data_1HO6
#
_entry.id   1HO6
#
_entity_poly.entity_id   1
_entity_poly.type   'polydeoxyribonucleotide/polyribonucleotide hybrid'
_entity_poly.pdbx_seq_one_letter_code
;GGAC(DT)(DT)(DC)(DG)(GAO)(UAR)(CAR)(CAR)
;
_entity_poly.pdbx_strand_id   A
#